data_3U0Y
#
_entry.id   3U0Y
#
_cell.length_a   77.630
_cell.length_b   152.740
_cell.length_c   52.990
_cell.angle_alpha   90.00
_cell.angle_beta   90.00
_cell.angle_gamma   90.00
#
_symmetry.space_group_name_H-M   'P 21 21 2'
#
loop_
_entity.id
_entity.type
_entity.pdbx_description
1 polymer 'Histo-blood group ABO system transferase'
2 non-polymer 1-(3-phenyl-1,2,4-thiadiazol-5-yl)piperazine
3 non-polymer "URIDINE-5'-DIPHOSPHATE"
4 non-polymer GLYCEROL
5 non-polymer 'SULFATE ION'
6 non-polymer 'MANGANESE (II) ION'
7 water water
#
_entity_poly.entity_id   1
_entity_poly.type   'polypeptide(L)'
_entity_poly.pdbx_seq_one_letter_code
;MAIGEFMVSLPRMVYPQPKVLTPCRKDVLVVTPWLAPIVWEGTFNIDILNEQFRLQNTTIGLTVFAIKKYVAFLKLFLET
AEKHFMVGHRVHYYVFTDQPAAVPRVTLGTGRQLSVLEVRAYKRWQDVSMRRMEMISDFCERRFLSEVDYLVCVDVDMEF
RDHVGVEILTPLFGTLHPGFYGSSREAFTYERRPQSQAYIPKDEGDFYYGGAFFGGSVQEVQRLTRACHQAMMVDQANGI
EAVWHDESHLNKYLLRHKPTKVLSPEYLWDQQLLGWPAVLRKLRFTAVPKNHQAVRNP
;
_entity_poly.pdbx_strand_id   A,B
#
loop_
_chem_comp.id
_chem_comp.type
_chem_comp.name
_chem_comp.formula
GOL non-polymer GLYCEROL 'C3 H8 O3'
GTI non-polymer 1-(3-phenyl-1,2,4-thiadiazol-5-yl)piperazine 'C12 H14 N4 S'
MN non-polymer 'MANGANESE (II) ION' 'Mn 2'
SO4 non-polymer 'SULFATE ION' 'O4 S -2'
UDP RNA linking URIDINE-5'-DIPHOSPHATE 'C9 H14 N2 O12 P2'
#
# COMPACT_ATOMS: atom_id res chain seq x y z
N ALA A 2 -3.72 2.63 18.25
CA ALA A 2 -2.98 3.73 17.65
C ALA A 2 -2.64 3.40 16.21
N ILE A 3 -2.22 4.40 15.45
CA ILE A 3 -1.65 4.13 14.13
C ILE A 3 -0.17 4.45 14.25
N GLY A 4 0.65 3.40 14.34
CA GLY A 4 2.08 3.57 14.48
C GLY A 4 2.66 4.37 13.34
N GLU A 5 3.69 5.15 13.66
CA GLU A 5 4.39 5.94 12.64
C GLU A 5 5.28 5.07 11.75
N PHE A 6 5.84 4.02 12.32
CA PHE A 6 6.80 3.18 11.59
C PHE A 6 6.38 1.71 11.47
N MET A 7 7.11 0.96 10.64
CA MET A 7 6.87 -0.46 10.46
C MET A 7 6.94 -1.18 11.80
N VAL A 8 6.05 -2.15 12.02
CA VAL A 8 6.04 -2.94 13.24
C VAL A 8 6.94 -4.19 13.15
N SER A 9 7.53 -4.60 14.28
CA SER A 9 8.39 -5.79 14.32
C SER A 9 7.65 -7.07 14.73
N LEU A 10 7.58 -8.04 13.82
CA LEU A 10 6.78 -9.25 14.05
C LEU A 10 7.56 -10.34 14.74
N PRO A 11 6.87 -11.21 15.48
CA PRO A 11 7.55 -12.38 16.04
C PRO A 11 7.76 -13.46 14.96
N ARG A 12 8.52 -14.49 15.28
CA ARG A 12 8.59 -15.68 14.43
C ARG A 12 7.18 -16.20 14.13
N MET A 13 6.93 -16.49 12.85
CA MET A 13 5.67 -17.08 12.42
C MET A 13 5.96 -18.18 11.40
N VAL A 14 5.15 -19.23 11.41
CA VAL A 14 5.29 -20.30 10.42
C VAL A 14 4.05 -20.37 9.52
N TYR A 15 4.23 -20.10 8.24
CA TYR A 15 3.12 -20.11 7.29
C TYR A 15 3.65 -20.48 5.91
N PRO A 16 2.74 -20.79 4.97
CA PRO A 16 3.16 -21.20 3.62
C PRO A 16 3.91 -20.08 2.90
N GLN A 17 5.00 -20.44 2.23
CA GLN A 17 5.78 -19.43 1.50
C GLN A 17 5.01 -18.87 0.33
N PRO A 18 5.05 -17.54 0.14
CA PRO A 18 4.39 -17.00 -1.06
C PRO A 18 5.07 -17.57 -2.29
N LYS A 19 4.35 -17.77 -3.38
CA LYS A 19 4.97 -18.38 -4.56
C LYS A 19 4.99 -17.39 -5.71
N VAL A 20 6.17 -16.86 -5.99
CA VAL A 20 6.33 -15.80 -6.96
C VAL A 20 5.84 -16.21 -8.36
N LEU A 21 6.05 -17.46 -8.73
CA LEU A 21 5.73 -17.87 -10.10
C LEU A 21 4.45 -18.70 -10.16
N THR A 22 3.74 -18.77 -9.05
CA THR A 22 2.51 -19.56 -9.01
C THR A 22 1.37 -18.88 -8.27
N PRO A 23 0.90 -17.74 -8.79
CA PRO A 23 -0.17 -16.95 -8.15
C PRO A 23 -1.44 -17.77 -7.93
N CYS A 24 -2.09 -17.57 -6.78
CA CYS A 24 -3.35 -18.25 -6.48
C CYS A 24 -4.50 -17.69 -7.32
N ARG A 25 -4.69 -16.36 -7.30
CA ARG A 25 -5.76 -15.76 -8.10
C ARG A 25 -5.29 -15.36 -9.49
N LYS A 26 -5.72 -16.11 -10.50
CA LYS A 26 -5.39 -15.81 -11.89
C LYS A 26 -6.62 -15.34 -12.67
N ASP A 27 -7.76 -15.27 -11.98
CA ASP A 27 -9.03 -14.98 -12.62
C ASP A 27 -9.49 -13.52 -12.43
N VAL A 28 -8.84 -12.79 -11.55
CA VAL A 28 -9.28 -11.43 -11.23
C VAL A 28 -8.07 -10.50 -11.13
N LEU A 29 -8.32 -9.21 -11.31
CA LEU A 29 -7.32 -8.18 -11.07
C LEU A 29 -7.12 -8.03 -9.55
N VAL A 30 -5.87 -8.17 -9.07
CA VAL A 30 -5.62 -8.07 -7.62
C VAL A 30 -4.85 -6.81 -7.21
N VAL A 31 -4.55 -5.96 -8.18
CA VAL A 31 -3.90 -4.67 -7.90
CA VAL A 31 -3.89 -4.67 -7.91
C VAL A 31 -4.38 -3.63 -8.91
N THR A 32 -4.64 -2.41 -8.44
CA THR A 32 -5.10 -1.34 -9.33
C THR A 32 -3.90 -0.77 -10.09
N PRO A 33 -4.14 0.05 -11.12
CA PRO A 33 -3.00 0.65 -11.84
C PRO A 33 -2.19 1.71 -11.06
N TRP A 34 -2.71 2.14 -9.91
CA TRP A 34 -1.92 2.98 -9.01
C TRP A 34 -1.35 2.18 -7.81
N LEU A 35 -1.35 0.86 -7.96
CA LEU A 35 -0.67 -0.09 -7.09
C LEU A 35 -1.33 -0.23 -5.74
N ALA A 36 -2.64 -0.07 -5.68
CA ALA A 36 -3.38 -0.41 -4.46
C ALA A 36 -3.86 -1.85 -4.59
N PRO A 37 -3.75 -2.64 -3.51
CA PRO A 37 -4.32 -3.99 -3.67
C PRO A 37 -5.83 -3.98 -3.80
N ILE A 38 -6.36 -4.99 -4.51
CA ILE A 38 -7.79 -5.24 -4.58
C ILE A 38 -8.00 -6.53 -3.80
N VAL A 39 -8.80 -6.45 -2.74
CA VAL A 39 -8.81 -7.49 -1.73
C VAL A 39 -9.80 -8.58 -2.05
N TRP A 40 -9.25 -9.74 -2.39
CA TRP A 40 -10.02 -10.95 -2.66
C TRP A 40 -9.49 -12.06 -1.79
N GLU A 41 -10.35 -13.04 -1.53
CA GLU A 41 -9.89 -14.24 -0.84
C GLU A 41 -8.77 -14.87 -1.65
N GLY A 42 -7.72 -15.27 -0.94
CA GLY A 42 -6.55 -15.89 -1.56
C GLY A 42 -5.42 -14.90 -1.78
N THR A 43 -5.67 -13.62 -1.51
CA THR A 43 -4.61 -12.62 -1.66
C THR A 43 -3.89 -12.29 -0.37
N PHE A 44 -4.48 -12.64 0.77
CA PHE A 44 -3.91 -12.21 2.03
C PHE A 44 -3.81 -13.35 3.04
N ASN A 45 -2.78 -13.28 3.88
CA ASN A 45 -2.62 -14.15 5.03
C ASN A 45 -3.08 -13.37 6.25
N ILE A 46 -4.26 -13.72 6.78
CA ILE A 46 -4.84 -12.93 7.86
C ILE A 46 -4.01 -13.02 9.14
N ASP A 47 -3.19 -14.07 9.27
CA ASP A 47 -2.38 -14.21 10.49
C ASP A 47 -1.32 -13.10 10.55
N ILE A 48 -0.69 -12.85 9.41
CA ILE A 48 0.34 -11.81 9.32
C ILE A 48 -0.31 -10.46 9.59
N LEU A 49 -1.42 -10.19 8.91
CA LEU A 49 -2.12 -8.90 9.07
C LEU A 49 -2.64 -8.71 10.50
N ASN A 50 -3.26 -9.73 11.08
CA ASN A 50 -3.66 -9.63 12.49
C ASN A 50 -2.52 -9.25 13.42
N GLU A 51 -1.35 -9.88 13.26
CA GLU A 51 -0.20 -9.52 14.05
C GLU A 51 0.15 -8.05 13.86
N GLN A 52 0.24 -7.62 12.60
CA GLN A 52 0.62 -6.22 12.34
C GLN A 52 -0.30 -5.22 13.03
N PHE A 53 -1.60 -5.42 12.91
CA PHE A 53 -2.56 -4.48 13.48
C PHE A 53 -2.72 -4.61 14.98
N ARG A 54 -2.63 -5.83 15.52
CA ARG A 54 -2.70 -5.98 16.98
C ARG A 54 -1.49 -5.34 17.68
N LEU A 55 -0.32 -5.44 17.06
CA LEU A 55 0.88 -4.82 17.62
C LEU A 55 0.73 -3.31 17.78
N GLN A 56 -0.19 -2.73 17.04
CA GLN A 56 -0.46 -1.29 17.16
CA GLN A 56 -0.46 -1.29 17.17
C GLN A 56 -1.68 -0.98 18.02
N ASN A 57 -2.30 -2.01 18.61
CA ASN A 57 -3.55 -1.87 19.38
CA ASN A 57 -3.49 -1.82 19.41
C ASN A 57 -4.56 -1.06 18.61
N THR A 58 -4.78 -1.51 17.39
CA THR A 58 -5.68 -0.81 16.50
C THR A 58 -7.13 -0.87 16.96
N THR A 59 -7.79 0.29 16.95
CA THR A 59 -9.23 0.39 17.22
C THR A 59 -9.98 0.78 15.96
N ILE A 60 -11.04 0.03 15.65
CA ILE A 60 -11.83 0.26 14.44
C ILE A 60 -13.22 0.74 14.81
N GLY A 61 -13.61 1.90 14.27
CA GLY A 61 -14.99 2.38 14.42
C GLY A 61 -15.82 1.88 13.25
N LEU A 62 -17.05 1.48 13.54
CA LEU A 62 -17.99 1.05 12.49
C LEU A 62 -19.25 1.88 12.58
N THR A 63 -19.52 2.72 11.59
CA THR A 63 -20.73 3.57 11.62
C THR A 63 -21.91 2.96 10.83
N VAL A 64 -23.11 3.08 11.39
CA VAL A 64 -24.32 2.74 10.68
C VAL A 64 -25.38 3.76 11.03
N PHE A 65 -26.24 4.03 10.08
CA PHE A 65 -27.39 4.92 10.26
C PHE A 65 -28.67 4.10 10.28
N ALA A 66 -29.39 4.16 11.38
CA ALA A 66 -30.57 3.36 11.55
C ALA A 66 -31.69 4.35 11.86
N ILE A 67 -32.18 5.00 10.81
CA ILE A 67 -33.12 6.10 10.91
C ILE A 67 -34.52 5.58 10.57
N LYS A 68 -35.51 6.03 11.35
CA LYS A 68 -36.90 5.63 11.15
C LYS A 68 -37.04 4.12 11.16
N LYS A 69 -37.66 3.53 10.13
CA LYS A 69 -37.96 2.09 10.14
C LYS A 69 -36.70 1.20 10.07
N TYR A 70 -35.57 1.78 9.69
CA TYR A 70 -34.35 0.99 9.54
C TYR A 70 -33.77 0.52 10.87
N VAL A 71 -34.27 1.02 11.99
CA VAL A 71 -33.86 0.48 13.30
C VAL A 71 -34.09 -1.03 13.38
N ALA A 72 -35.02 -1.55 12.56
CA ALA A 72 -35.35 -2.97 12.56
C ALA A 72 -34.18 -3.84 12.11
N PHE A 73 -33.20 -3.25 11.40
CA PHE A 73 -32.09 -4.03 10.88
C PHE A 73 -30.95 -4.19 11.88
N LEU A 74 -31.03 -3.47 13.01
CA LEU A 74 -29.88 -3.38 13.92
C LEU A 74 -29.53 -4.69 14.60
N LYS A 75 -30.54 -5.42 15.05
CA LYS A 75 -30.27 -6.66 15.77
CA LYS A 75 -30.28 -6.67 15.77
C LYS A 75 -29.42 -7.63 14.95
N LEU A 76 -29.86 -7.93 13.71
CA LEU A 76 -29.10 -8.87 12.87
C LEU A 76 -27.73 -8.29 12.46
N PHE A 77 -27.69 -7.00 12.18
CA PHE A 77 -26.45 -6.34 11.82
C PHE A 77 -25.39 -6.50 12.93
N LEU A 78 -25.76 -6.12 14.15
CA LEU A 78 -24.85 -6.22 15.29
C LEU A 78 -24.52 -7.65 15.71
N GLU A 79 -25.50 -8.55 15.70
CA GLU A 79 -25.19 -9.91 16.13
C GLU A 79 -24.22 -10.57 15.17
N THR A 80 -24.40 -10.32 13.86
CA THR A 80 -23.50 -10.91 12.88
C THR A 80 -22.13 -10.22 12.87
N ALA A 81 -22.12 -8.92 13.14
CA ALA A 81 -20.85 -8.20 13.27
C ALA A 81 -20.01 -8.81 14.41
N GLU A 82 -20.68 -9.19 15.50
CA GLU A 82 -19.96 -9.80 16.61
C GLU A 82 -19.28 -11.10 16.22
N LYS A 83 -19.86 -11.80 15.27
CA LYS A 83 -19.31 -13.08 14.83
C LYS A 83 -18.17 -12.92 13.81
N HIS A 84 -18.22 -11.83 13.04
CA HIS A 84 -17.42 -11.77 11.82
C HIS A 84 -16.54 -10.54 11.61
N PHE A 85 -16.83 -9.44 12.32
CA PHE A 85 -16.14 -8.17 12.06
C PHE A 85 -15.02 -7.87 13.03
N MET A 86 -13.78 -7.90 12.52
CA MET A 86 -12.60 -7.50 13.28
C MET A 86 -12.48 -8.26 14.60
N VAL A 87 -12.87 -9.54 14.63
CA VAL A 87 -12.80 -10.29 15.88
C VAL A 87 -11.36 -10.40 16.37
N GLY A 88 -11.12 -10.05 17.64
CA GLY A 88 -9.78 -10.05 18.19
C GLY A 88 -9.22 -8.64 18.35
N HIS A 89 -9.82 -7.69 17.64
CA HIS A 89 -9.39 -6.30 17.68
C HIS A 89 -10.38 -5.42 18.44
N ARG A 90 -9.95 -4.22 18.81
CA ARG A 90 -10.85 -3.27 19.45
CA ARG A 90 -10.84 -3.26 19.45
C ARG A 90 -11.84 -2.72 18.45
N VAL A 91 -13.13 -2.77 18.79
CA VAL A 91 -14.19 -2.30 17.89
C VAL A 91 -15.11 -1.33 18.63
N HIS A 92 -15.49 -0.25 17.96
CA HIS A 92 -16.45 0.69 18.54
C HIS A 92 -17.54 0.90 17.51
N TYR A 93 -18.74 0.39 17.80
CA TYR A 93 -19.89 0.62 16.94
C TYR A 93 -20.51 1.96 17.21
N TYR A 94 -20.82 2.71 16.15
CA TYR A 94 -21.51 3.97 16.30
C TYR A 94 -22.84 3.87 15.56
N VAL A 95 -23.94 3.81 16.31
CA VAL A 95 -25.26 3.73 15.69
C VAL A 95 -25.92 5.12 15.73
N PHE A 96 -26.03 5.74 14.56
CA PHE A 96 -26.71 7.02 14.42
C PHE A 96 -28.20 6.70 14.30
N THR A 97 -29.04 7.29 15.15
CA THR A 97 -30.46 6.96 15.07
C THR A 97 -31.30 8.11 15.60
N ASP A 98 -32.52 8.19 15.12
CA ASP A 98 -33.48 9.14 15.67
C ASP A 98 -34.28 8.49 16.81
N GLN A 99 -34.00 7.22 17.09
CA GLN A 99 -34.75 6.48 18.12
C GLN A 99 -33.84 5.68 19.05
N PRO A 100 -33.13 6.37 19.94
CA PRO A 100 -32.24 5.64 20.85
C PRO A 100 -32.93 4.48 21.61
N ALA A 101 -34.18 4.66 21.99
CA ALA A 101 -34.85 3.63 22.79
C ALA A 101 -35.11 2.33 22.01
N ALA A 102 -34.98 2.40 20.69
CA ALA A 102 -35.28 1.27 19.82
C ALA A 102 -34.03 0.45 19.50
N VAL A 103 -32.88 0.93 19.91
CA VAL A 103 -31.65 0.16 19.66
C VAL A 103 -31.71 -1.11 20.52
N PRO A 104 -31.54 -2.29 19.88
CA PRO A 104 -31.69 -3.56 20.59
C PRO A 104 -30.53 -3.83 21.54
N ARG A 105 -30.80 -4.58 22.61
CA ARG A 105 -29.76 -5.08 23.48
C ARG A 105 -28.97 -6.16 22.75
N VAL A 106 -27.67 -5.95 22.60
CA VAL A 106 -26.80 -6.96 22.02
C VAL A 106 -25.57 -7.09 22.89
N THR A 107 -25.30 -8.32 23.31
CA THR A 107 -24.15 -8.61 24.15
C THR A 107 -22.85 -8.62 23.32
N LEU A 108 -21.85 -7.86 23.76
CA LEU A 108 -20.65 -7.66 22.96
C LEU A 108 -19.48 -8.40 23.56
N GLY A 109 -18.56 -8.83 22.71
CA GLY A 109 -17.33 -9.44 23.15
C GLY A 109 -16.41 -8.42 23.85
N THR A 110 -15.40 -8.93 24.53
CA THR A 110 -14.46 -8.07 25.24
C THR A 110 -13.75 -7.14 24.25
N GLY A 111 -13.56 -5.90 24.67
CA GLY A 111 -12.84 -4.92 23.86
C GLY A 111 -13.69 -4.27 22.79
N ARG A 112 -14.99 -4.55 22.82
CA ARG A 112 -15.93 -4.00 21.85
C ARG A 112 -16.98 -3.20 22.59
N GLN A 113 -17.39 -2.08 21.98
CA GLN A 113 -18.37 -1.23 22.66
C GLN A 113 -19.29 -0.58 21.64
N LEU A 114 -20.39 -0.02 22.12
CA LEU A 114 -21.40 0.58 21.26
C LEU A 114 -21.82 1.93 21.79
N SER A 115 -21.81 2.92 20.91
CA SER A 115 -22.36 4.24 21.19
C SER A 115 -23.57 4.52 20.34
N VAL A 116 -24.60 5.11 20.95
CA VAL A 116 -25.78 5.53 20.23
C VAL A 116 -25.74 7.05 20.06
N LEU A 117 -25.76 7.51 18.80
CA LEU A 117 -25.67 8.93 18.49
C LEU A 117 -27.05 9.38 18.00
N GLU A 118 -27.74 10.20 18.79
CA GLU A 118 -29.06 10.67 18.43
C GLU A 118 -28.99 11.81 17.43
N VAL A 119 -29.60 11.61 16.26
CA VAL A 119 -29.53 12.61 15.20
C VAL A 119 -30.92 12.85 14.63
N ARG A 120 -31.06 13.93 13.88
CA ARG A 120 -32.35 14.23 13.27
C ARG A 120 -32.62 13.31 12.10
N ALA A 121 -33.90 12.99 11.91
CA ALA A 121 -34.37 12.22 10.77
C ALA A 121 -34.89 13.16 9.68
N TYR A 122 -34.34 13.04 8.48
CA TYR A 122 -34.86 13.80 7.34
C TYR A 122 -36.09 13.09 6.77
N LYS A 123 -36.95 13.85 6.11
CA LYS A 123 -38.18 13.27 5.55
C LYS A 123 -37.92 12.34 4.36
N ARG A 124 -37.10 12.80 3.40
CA ARG A 124 -36.82 12.01 2.20
C ARG A 124 -35.68 11.04 2.45
N TRP A 125 -35.89 9.78 2.08
CA TRP A 125 -34.82 8.79 2.24
C TRP A 125 -33.53 9.27 1.56
N GLN A 126 -33.67 9.97 0.43
CA GLN A 126 -32.51 10.48 -0.30
C GLN A 126 -31.67 11.40 0.59
N ASP A 127 -32.36 12.25 1.35
CA ASP A 127 -31.69 13.18 2.26
C ASP A 127 -31.09 12.47 3.47
N VAL A 128 -31.79 11.47 4.00
CA VAL A 128 -31.23 10.66 5.07
C VAL A 128 -29.91 10.05 4.59
N SER A 129 -29.93 9.51 3.37
CA SER A 129 -28.73 8.86 2.84
C SER A 129 -27.58 9.86 2.61
N MET A 130 -27.90 11.00 2.02
CA MET A 130 -26.88 11.98 1.67
C MET A 130 -26.29 12.67 2.90
N ARG A 131 -27.14 12.97 3.89
CA ARG A 131 -26.69 13.69 5.08
C ARG A 131 -25.82 12.84 5.99
N ARG A 132 -25.72 11.54 5.70
CA ARG A 132 -24.72 10.74 6.38
C ARG A 132 -23.33 11.39 6.25
N MET A 133 -23.02 11.98 5.11
CA MET A 133 -21.68 12.54 4.91
C MET A 133 -21.41 13.66 5.92
N GLU A 134 -22.35 14.61 6.04
CA GLU A 134 -22.23 15.69 7.00
C GLU A 134 -22.10 15.14 8.42
N MET A 135 -22.92 14.14 8.72
CA MET A 135 -22.97 13.64 10.09
C MET A 135 -21.70 12.88 10.47
N ILE A 136 -21.19 12.09 9.55
CA ILE A 136 -19.91 11.41 9.76
C ILE A 136 -18.81 12.46 9.95
N SER A 137 -18.74 13.42 9.04
CA SER A 137 -17.69 14.44 9.15
C SER A 137 -17.74 15.18 10.48
N ASP A 138 -18.94 15.63 10.88
CA ASP A 138 -19.12 16.33 12.15
CA ASP A 138 -19.15 16.32 12.15
C ASP A 138 -18.62 15.47 13.32
N PHE A 139 -18.98 14.20 13.31
CA PHE A 139 -18.58 13.34 14.43
C PHE A 139 -17.11 12.92 14.39
N CYS A 140 -16.42 13.13 13.26
CA CYS A 140 -15.00 12.85 13.24
C CYS A 140 -14.37 13.84 14.19
N GLU A 141 -14.86 15.07 14.11
CA GLU A 141 -14.31 16.13 14.92
C GLU A 141 -14.78 15.97 16.36
N ARG A 142 -16.05 15.61 16.54
CA ARG A 142 -16.61 15.53 17.91
C ARG A 142 -16.14 14.31 18.72
N ARG A 143 -15.94 13.18 18.06
CA ARG A 143 -15.70 11.92 18.78
C ARG A 143 -14.63 11.02 18.15
N PHE A 144 -14.67 10.86 16.83
CA PHE A 144 -13.92 9.73 16.25
C PHE A 144 -12.42 9.92 16.30
N LEU A 145 -11.94 11.14 16.07
CA LEU A 145 -10.51 11.38 16.11
C LEU A 145 -9.92 10.96 17.46
N SER A 146 -10.67 11.14 18.56
CA SER A 146 -10.20 10.72 19.86
C SER A 146 -10.39 9.23 20.16
N GLU A 147 -11.35 8.60 19.52
CA GLU A 147 -11.76 7.26 19.95
C GLU A 147 -11.27 6.09 19.11
N VAL A 148 -11.05 6.30 17.82
CA VAL A 148 -10.69 5.18 16.96
C VAL A 148 -9.60 5.55 15.97
N ASP A 149 -8.94 4.53 15.43
CA ASP A 149 -7.87 4.75 14.46
C ASP A 149 -8.39 4.75 13.03
N TYR A 150 -9.32 3.85 12.74
CA TYR A 150 -9.92 3.72 11.40
C TYR A 150 -11.41 3.77 11.56
N LEU A 151 -12.08 4.21 10.49
CA LEU A 151 -13.53 4.25 10.45
C LEU A 151 -13.97 3.45 9.26
N VAL A 152 -14.98 2.63 9.48
CA VAL A 152 -15.60 1.83 8.42
C VAL A 152 -17.08 2.24 8.37
N CYS A 153 -17.54 2.72 7.22
CA CYS A 153 -18.87 3.34 7.14
C CYS A 153 -19.75 2.49 6.23
N VAL A 154 -20.81 1.90 6.79
CA VAL A 154 -21.62 0.96 6.02
C VAL A 154 -23.14 1.23 6.13
N ASP A 155 -23.89 0.62 5.22
CA ASP A 155 -25.36 0.53 5.32
C ASP A 155 -25.79 -0.47 6.40
N VAL A 156 -26.95 -0.22 7.00
CA VAL A 156 -27.40 -1.05 8.14
C VAL A 156 -28.23 -2.25 7.66
N ASP A 157 -28.79 -2.17 6.45
CA ASP A 157 -29.67 -3.24 5.95
C ASP A 157 -28.84 -4.36 5.32
N MET A 158 -27.98 -4.94 6.16
CA MET A 158 -26.93 -5.85 5.75
C MET A 158 -26.66 -6.81 6.87
N GLU A 159 -26.00 -7.90 6.56
CA GLU A 159 -25.54 -8.81 7.59
C GLU A 159 -24.19 -9.38 7.21
N PHE A 160 -23.39 -9.63 8.22
CA PHE A 160 -22.12 -10.29 8.00
C PHE A 160 -22.34 -11.79 7.89
N ARG A 161 -21.70 -12.40 6.90
CA ARG A 161 -21.83 -13.84 6.63
C ARG A 161 -20.49 -14.56 6.73
N ASP A 162 -19.38 -13.82 6.72
CA ASP A 162 -18.06 -14.44 6.76
C ASP A 162 -17.08 -13.35 7.21
N HIS A 163 -15.82 -13.72 7.32
CA HIS A 163 -14.80 -12.83 7.86
C HIS A 163 -14.71 -11.45 7.17
N VAL A 164 -14.73 -10.38 7.97
CA VAL A 164 -14.39 -9.03 7.49
C VAL A 164 -13.42 -8.52 8.53
N GLY A 165 -12.15 -8.38 8.14
CA GLY A 165 -11.13 -8.12 9.13
C GLY A 165 -10.15 -7.05 8.72
N VAL A 166 -9.00 -7.05 9.38
CA VAL A 166 -8.03 -5.94 9.24
C VAL A 166 -7.38 -5.88 7.85
N GLU A 167 -7.58 -6.91 7.02
CA GLU A 167 -7.16 -6.83 5.62
C GLU A 167 -7.75 -5.63 4.87
N ILE A 168 -8.87 -5.09 5.35
CA ILE A 168 -9.46 -3.92 4.69
C ILE A 168 -8.84 -2.58 5.12
N LEU A 169 -8.09 -2.57 6.21
CA LEU A 169 -7.64 -1.31 6.78
C LEU A 169 -6.47 -0.67 6.04
N THR A 170 -6.56 0.64 5.85
CA THR A 170 -5.63 1.40 5.00
C THR A 170 -6.05 2.87 5.15
N PRO A 171 -5.24 3.83 4.69
CA PRO A 171 -5.69 5.22 4.80
C PRO A 171 -7.02 5.54 4.12
N LEU A 172 -7.31 4.93 2.96
CA LEU A 172 -8.56 5.27 2.29
C LEU A 172 -8.99 4.09 1.41
N PHE A 173 -10.18 3.53 1.65
CA PHE A 173 -10.66 2.45 0.76
C PHE A 173 -12.07 2.67 0.27
N GLY A 174 -12.31 2.14 -0.93
CA GLY A 174 -13.64 1.96 -1.46
C GLY A 174 -13.86 0.50 -1.78
N THR A 175 -15.09 0.16 -2.14
CA THR A 175 -15.51 -1.21 -2.40
CA THR A 175 -15.48 -1.21 -2.43
C THR A 175 -16.14 -1.27 -3.78
N LEU A 176 -15.76 -2.28 -4.57
CA LEU A 176 -16.41 -2.50 -5.88
C LEU A 176 -17.89 -2.86 -5.73
N HIS A 177 -18.75 -2.02 -6.31
CA HIS A 177 -20.19 -2.22 -6.26
C HIS A 177 -20.46 -3.55 -6.99
N PRO A 178 -21.31 -4.41 -6.41
CA PRO A 178 -21.50 -5.76 -6.95
C PRO A 178 -22.21 -5.78 -8.31
N GLY A 179 -22.87 -4.69 -8.64
CA GLY A 179 -23.61 -4.61 -9.89
C GLY A 179 -22.76 -4.22 -11.08
N PHE A 180 -21.49 -3.86 -10.84
CA PHE A 180 -20.69 -3.26 -11.91
C PHE A 180 -19.25 -3.73 -12.01
N TYR A 181 -18.84 -4.66 -11.16
CA TYR A 181 -17.43 -5.07 -11.12
C TYR A 181 -16.93 -5.60 -12.47
N GLY A 182 -17.82 -6.13 -13.30
CA GLY A 182 -17.38 -6.62 -14.58
C GLY A 182 -17.77 -5.72 -15.74
N SER A 183 -18.23 -4.50 -15.43
CA SER A 183 -18.78 -3.61 -16.45
C SER A 183 -17.76 -2.65 -17.02
N SER A 184 -17.99 -2.21 -18.26
CA SER A 184 -17.17 -1.16 -18.85
C SER A 184 -17.61 0.17 -18.28
N ARG A 185 -16.71 1.14 -18.28
CA ARG A 185 -16.96 2.40 -17.58
C ARG A 185 -18.15 3.16 -18.18
N GLU A 186 -18.48 2.83 -19.43
CA GLU A 186 -19.62 3.43 -20.10
C GLU A 186 -20.95 3.01 -19.46
N ALA A 187 -20.98 1.83 -18.84
CA ALA A 187 -22.16 1.33 -18.17
C ALA A 187 -22.25 1.76 -16.71
N PHE A 188 -21.15 2.31 -16.17
CA PHE A 188 -21.18 2.83 -14.80
C PHE A 188 -22.26 3.89 -14.65
N THR A 189 -23.05 3.81 -13.59
CA THR A 189 -24.13 4.78 -13.39
C THR A 189 -23.63 6.00 -12.62
N TYR A 190 -22.51 6.58 -13.10
CA TYR A 190 -22.00 7.83 -12.55
C TYR A 190 -22.99 8.95 -12.85
N GLU A 191 -22.87 10.06 -12.13
CA GLU A 191 -23.55 11.30 -12.52
C GLU A 191 -22.95 11.83 -13.83
N ARG A 192 -23.79 11.96 -14.86
CA ARG A 192 -23.31 12.29 -16.22
C ARG A 192 -23.62 13.74 -16.64
N ARG A 193 -24.26 14.47 -15.75
CA ARG A 193 -24.67 15.84 -16.00
C ARG A 193 -23.53 16.77 -15.58
N PRO A 194 -22.93 17.47 -16.55
CA PRO A 194 -21.74 18.28 -16.29
C PRO A 194 -21.96 19.40 -15.26
N GLN A 195 -23.21 19.76 -15.00
CA GLN A 195 -23.51 20.83 -14.06
C GLN A 195 -23.35 20.40 -12.60
N SER A 196 -23.28 19.09 -12.37
CA SER A 196 -23.17 18.57 -11.01
C SER A 196 -21.69 18.46 -10.61
N GLN A 197 -21.40 18.73 -9.33
CA GLN A 197 -20.05 18.51 -8.79
C GLN A 197 -19.63 17.05 -8.89
N ALA A 198 -20.60 16.15 -9.01
CA ALA A 198 -20.29 14.72 -9.07
C ALA A 198 -20.03 14.23 -10.50
N TYR A 199 -20.09 15.15 -11.45
CA TYR A 199 -19.89 14.85 -12.87
C TYR A 199 -18.65 14.01 -13.18
N ILE A 200 -18.86 12.92 -13.91
CA ILE A 200 -17.76 12.14 -14.49
C ILE A 200 -18.10 11.77 -15.94
N PRO A 201 -17.28 12.26 -16.89
CA PRO A 201 -17.42 12.04 -18.33
C PRO A 201 -17.32 10.56 -18.69
N LYS A 202 -17.83 10.23 -19.88
CA LYS A 202 -17.86 8.86 -20.35
C LYS A 202 -16.47 8.26 -20.51
N ASP A 203 -15.46 9.09 -20.72
CA ASP A 203 -14.11 8.56 -20.92
C ASP A 203 -13.26 8.52 -19.64
N GLU A 204 -13.90 8.71 -18.50
CA GLU A 204 -13.17 8.62 -17.22
C GLU A 204 -13.80 7.60 -16.29
N GLY A 205 -13.02 7.20 -15.29
CA GLY A 205 -13.50 6.31 -14.24
C GLY A 205 -12.66 5.05 -14.20
N ASP A 206 -12.32 4.63 -12.99
CA ASP A 206 -11.55 3.43 -12.75
C ASP A 206 -12.55 2.31 -12.45
N PHE A 207 -13.39 2.57 -11.45
CA PHE A 207 -14.32 1.58 -10.92
C PHE A 207 -15.61 2.29 -10.53
N TYR A 208 -16.68 1.51 -10.36
CA TYR A 208 -17.89 2.02 -9.72
C TYR A 208 -17.90 1.52 -8.28
N TYR A 209 -17.68 2.45 -7.34
CA TYR A 209 -17.61 2.06 -5.94
C TYR A 209 -18.99 2.11 -5.29
N GLY A 210 -19.24 1.21 -4.34
CA GLY A 210 -20.54 1.22 -3.69
C GLY A 210 -20.59 2.19 -2.54
N GLY A 211 -21.66 2.97 -2.46
CA GLY A 211 -21.83 3.91 -1.37
C GLY A 211 -22.04 3.23 -0.02
N ALA A 212 -22.36 1.93 -0.05
CA ALA A 212 -22.67 1.22 1.20
C ALA A 212 -21.49 0.68 2.01
N PHE A 213 -20.24 0.93 1.58
CA PHE A 213 -19.08 0.41 2.30
C PHE A 213 -17.81 1.17 1.89
N PHE A 214 -17.36 2.12 2.70
CA PHE A 214 -16.10 2.78 2.42
C PHE A 214 -15.47 3.08 3.77
N GLY A 215 -14.23 3.55 3.78
CA GLY A 215 -13.62 3.81 5.06
C GLY A 215 -12.18 4.24 4.92
N GLY A 216 -11.47 4.20 6.04
CA GLY A 216 -10.07 4.65 6.04
C GLY A 216 -9.66 5.11 7.39
N SER A 217 -8.51 5.79 7.46
CA SER A 217 -8.10 6.45 8.70
C SER A 217 -9.16 7.52 9.04
N VAL A 218 -9.28 7.88 10.32
CA VAL A 218 -10.24 8.93 10.66
C VAL A 218 -9.95 10.21 9.86
N GLN A 219 -8.68 10.58 9.72
CA GLN A 219 -8.37 11.82 9.04
C GLN A 219 -8.80 11.80 7.59
N GLU A 220 -8.59 10.67 6.91
CA GLU A 220 -8.97 10.59 5.50
C GLU A 220 -10.48 10.50 5.34
N VAL A 221 -11.15 9.83 6.28
CA VAL A 221 -12.61 9.75 6.20
C VAL A 221 -13.20 11.11 6.48
N GLN A 222 -12.62 11.85 7.42
CA GLN A 222 -13.11 13.18 7.68
C GLN A 222 -13.02 14.04 6.41
N ARG A 223 -11.90 13.94 5.72
CA ARG A 223 -11.71 14.76 4.53
C ARG A 223 -12.67 14.34 3.41
N LEU A 224 -12.89 13.04 3.25
CA LEU A 224 -13.78 12.54 2.19
C LEU A 224 -15.20 12.99 2.47
N THR A 225 -15.66 12.77 3.69
CA THR A 225 -17.05 13.08 4.00
C THR A 225 -17.30 14.57 3.96
N ARG A 226 -16.34 15.36 4.43
CA ARG A 226 -16.47 16.81 4.34
C ARG A 226 -16.53 17.27 2.88
N ALA A 227 -15.65 16.73 2.05
CA ALA A 227 -15.68 17.09 0.62
C ALA A 227 -16.97 16.72 -0.07
N CYS A 228 -17.48 15.51 0.21
CA CYS A 228 -18.73 15.10 -0.40
C CYS A 228 -19.89 15.94 0.10
N HIS A 229 -19.90 16.27 1.40
CA HIS A 229 -20.98 17.09 1.90
C HIS A 229 -20.94 18.48 1.26
N GLN A 230 -19.74 19.02 1.10
CA GLN A 230 -19.63 20.35 0.50
C GLN A 230 -20.08 20.33 -0.95
N ALA A 231 -19.72 19.27 -1.67
CA ALA A 231 -20.13 19.12 -3.08
C ALA A 231 -21.65 18.97 -3.18
N MET A 232 -22.24 18.21 -2.28
CA MET A 232 -23.71 18.10 -2.25
C MET A 232 -24.39 19.43 -1.97
N MET A 233 -23.78 20.26 -1.12
CA MET A 233 -24.37 21.56 -0.82
C MET A 233 -24.26 22.51 -2.01
N VAL A 234 -23.18 22.37 -2.78
CA VAL A 234 -23.05 23.17 -4.00
C VAL A 234 -24.11 22.74 -5.01
N ASP A 235 -24.24 21.43 -5.22
CA ASP A 235 -25.29 20.90 -6.08
C ASP A 235 -26.68 21.39 -5.65
N GLN A 236 -26.95 21.36 -4.35
CA GLN A 236 -28.23 21.84 -3.84
C GLN A 236 -28.45 23.30 -4.21
N ALA A 237 -27.44 24.13 -4.02
CA ALA A 237 -27.57 25.54 -4.35
C ALA A 237 -27.82 25.75 -5.85
N ASN A 238 -27.32 24.82 -6.66
CA ASN A 238 -27.52 24.86 -8.10
C ASN A 238 -28.77 24.09 -8.55
N GLY A 239 -29.56 23.65 -7.58
CA GLY A 239 -30.81 22.96 -7.87
C GLY A 239 -30.63 21.60 -8.50
N ILE A 240 -29.53 20.93 -8.15
CA ILE A 240 -29.21 19.64 -8.74
C ILE A 240 -29.09 18.58 -7.66
N GLU A 241 -29.62 17.40 -7.94
CA GLU A 241 -29.40 16.25 -7.07
C GLU A 241 -28.80 15.08 -7.85
N ALA A 242 -27.62 14.59 -7.44
CA ALA A 242 -26.94 13.55 -8.22
C ALA A 242 -27.76 12.26 -8.32
N VAL A 243 -27.63 11.56 -9.44
CA VAL A 243 -28.48 10.40 -9.75
C VAL A 243 -28.50 9.34 -8.65
N TRP A 244 -27.35 9.06 -8.06
CA TRP A 244 -27.29 8.11 -6.97
C TRP A 244 -26.75 8.76 -5.71
N HIS A 245 -27.06 10.04 -5.53
CA HIS A 245 -26.95 10.67 -4.22
C HIS A 245 -25.51 10.62 -3.65
N ASP A 246 -25.36 10.23 -2.39
CA ASP A 246 -24.02 10.19 -1.79
C ASP A 246 -23.05 9.28 -2.56
N GLU A 247 -23.57 8.21 -3.16
CA GLU A 247 -22.73 7.28 -3.93
C GLU A 247 -22.11 7.96 -5.17
N SER A 248 -22.85 8.87 -5.80
CA SER A 248 -22.32 9.58 -6.97
C SER A 248 -21.14 10.45 -6.56
N HIS A 249 -21.29 11.14 -5.42
CA HIS A 249 -20.24 12.01 -4.89
C HIS A 249 -19.03 11.22 -4.39
N LEU A 250 -19.30 10.10 -3.71
CA LEU A 250 -18.23 9.17 -3.34
C LEU A 250 -17.41 8.75 -4.55
N ASN A 251 -18.09 8.41 -5.64
CA ASN A 251 -17.38 8.02 -6.86
C ASN A 251 -16.52 9.14 -7.44
N LYS A 252 -17.04 10.36 -7.47
CA LYS A 252 -16.25 11.50 -7.92
C LYS A 252 -15.02 11.71 -7.00
N TYR A 253 -15.22 11.59 -5.69
CA TYR A 253 -14.09 11.79 -4.79
C TYR A 253 -12.99 10.76 -5.01
N LEU A 254 -13.37 9.49 -5.12
CA LEU A 254 -12.39 8.41 -5.24
C LEU A 254 -11.77 8.34 -6.65
N LEU A 255 -12.41 8.96 -7.61
CA LEU A 255 -11.81 9.09 -8.94
C LEU A 255 -10.60 10.03 -8.84
N ARG A 256 -10.77 11.15 -8.13
CA ARG A 256 -9.73 12.17 -8.01
C ARG A 256 -8.75 12.00 -6.86
N HIS A 257 -9.13 11.20 -5.87
CA HIS A 257 -8.27 10.84 -4.75
C HIS A 257 -8.28 9.32 -4.69
N LYS A 258 -7.28 8.67 -5.29
CA LYS A 258 -7.33 7.22 -5.47
C LYS A 258 -7.24 6.52 -4.11
N PRO A 259 -8.09 5.50 -3.90
CA PRO A 259 -8.02 4.78 -2.63
C PRO A 259 -6.75 3.95 -2.53
N THR A 260 -6.26 3.72 -1.32
CA THR A 260 -5.03 2.95 -1.11
C THR A 260 -5.27 1.41 -1.01
N LYS A 261 -6.53 1.03 -0.85
CA LYS A 261 -7.03 -0.35 -1.09
C LYS A 261 -8.39 -0.27 -1.70
N VAL A 262 -8.72 -1.29 -2.51
CA VAL A 262 -10.08 -1.45 -3.01
C VAL A 262 -10.56 -2.82 -2.58
N LEU A 263 -11.78 -2.89 -2.04
CA LEU A 263 -12.35 -4.17 -1.64
C LEU A 263 -13.12 -4.80 -2.79
N SER A 264 -12.97 -6.11 -2.97
CA SER A 264 -13.75 -6.85 -3.98
C SER A 264 -15.22 -6.95 -3.55
N PRO A 265 -16.09 -7.37 -4.46
CA PRO A 265 -17.52 -7.51 -4.11
C PRO A 265 -17.81 -8.60 -3.08
N GLU A 266 -16.82 -9.41 -2.69
CA GLU A 266 -16.99 -10.27 -1.51
C GLU A 266 -17.50 -9.45 -0.33
N TYR A 267 -17.10 -8.17 -0.30
CA TYR A 267 -17.37 -7.29 0.85
C TYR A 267 -18.68 -6.52 0.71
N LEU A 268 -19.38 -6.66 -0.41
CA LEU A 268 -20.63 -5.93 -0.61
C LEU A 268 -21.41 -6.64 -1.68
N TRP A 269 -22.39 -7.45 -1.26
CA TRP A 269 -23.03 -8.32 -2.23
C TRP A 269 -24.53 -8.39 -1.96
N ASP A 270 -25.31 -8.77 -2.98
CA ASP A 270 -26.73 -9.06 -2.78
C ASP A 270 -26.98 -10.45 -3.37
N GLN A 271 -27.11 -11.44 -2.49
CA GLN A 271 -27.18 -12.82 -2.96
C GLN A 271 -28.48 -13.18 -3.68
N GLN A 272 -29.60 -12.58 -3.29
CA GLN A 272 -30.86 -12.82 -4.00
C GLN A 272 -30.80 -12.32 -5.44
N LEU A 273 -30.26 -11.11 -5.59
CA LEU A 273 -30.18 -10.46 -6.89
C LEU A 273 -29.13 -11.06 -7.80
N LEU A 274 -28.01 -11.50 -7.23
CA LEU A 274 -26.81 -11.78 -8.03
C LEU A 274 -26.24 -13.19 -7.86
N GLY A 275 -26.88 -13.99 -7.02
CA GLY A 275 -26.44 -15.37 -6.81
C GLY A 275 -25.07 -15.43 -6.18
N TRP A 276 -24.18 -16.24 -6.76
CA TRP A 276 -22.89 -16.56 -6.15
C TRP A 276 -21.92 -17.06 -7.23
N PRO A 277 -21.38 -16.14 -8.02
CA PRO A 277 -20.44 -16.42 -9.12
C PRO A 277 -19.17 -17.12 -8.59
N ALA A 278 -18.54 -17.94 -9.42
CA ALA A 278 -17.32 -18.65 -9.02
C ALA A 278 -16.18 -17.71 -8.64
N VAL A 279 -16.21 -16.49 -9.18
CA VAL A 279 -15.19 -15.50 -8.86
C VAL A 279 -15.29 -15.10 -7.40
N LEU A 280 -16.40 -15.40 -6.75
CA LEU A 280 -16.56 -15.01 -5.35
C LEU A 280 -16.36 -16.26 -4.49
N ARG A 281 -15.18 -16.41 -3.89
CA ARG A 281 -14.91 -17.58 -3.07
C ARG A 281 -15.62 -17.48 -1.71
N LYS A 282 -15.82 -16.25 -1.25
CA LYS A 282 -16.61 -15.98 -0.04
CA LYS A 282 -16.60 -15.97 -0.04
C LYS A 282 -17.64 -14.89 -0.29
N LEU A 283 -18.76 -14.96 0.41
CA LEU A 283 -19.71 -13.84 0.45
C LEU A 283 -19.61 -13.32 1.87
N ARG A 284 -19.06 -12.12 2.07
CA ARG A 284 -18.76 -11.71 3.44
C ARG A 284 -19.80 -10.81 4.11
N PHE A 285 -20.44 -9.96 3.33
CA PHE A 285 -21.29 -8.89 3.87
C PHE A 285 -22.36 -8.70 2.80
N THR A 286 -23.59 -9.08 3.14
CA THR A 286 -24.63 -9.18 2.11
C THR A 286 -25.91 -8.43 2.50
N ALA A 287 -26.64 -8.01 1.49
CA ALA A 287 -27.90 -7.28 1.71
C ALA A 287 -28.96 -8.15 2.42
N VAL A 288 -29.76 -7.51 3.26
CA VAL A 288 -30.89 -8.18 3.89
C VAL A 288 -32.16 -7.79 3.13
N PRO A 289 -32.91 -8.79 2.63
CA PRO A 289 -34.14 -8.55 1.87
C PRO A 289 -35.07 -7.58 2.59
N VAL B 8 -3.77 13.29 -2.36
CA VAL B 8 -3.62 14.31 -3.41
C VAL B 8 -4.82 14.30 -4.39
N SER B 9 -5.17 15.49 -4.89
CA SER B 9 -6.33 15.63 -5.80
C SER B 9 -5.94 15.74 -7.29
N LEU B 10 -6.22 14.70 -8.06
CA LEU B 10 -5.78 14.62 -9.45
C LEU B 10 -6.63 15.45 -10.40
N PRO B 11 -6.00 16.00 -11.46
CA PRO B 11 -6.79 16.63 -12.53
C PRO B 11 -7.40 15.53 -13.40
N ARG B 12 -8.28 15.94 -14.31
CA ARG B 12 -8.83 15.03 -15.32
C ARG B 12 -7.72 14.30 -16.08
N MET B 13 -7.89 13.00 -16.25
CA MET B 13 -6.94 12.19 -17.03
C MET B 13 -7.69 11.16 -17.86
N VAL B 14 -7.18 10.89 -19.06
CA VAL B 14 -7.77 9.87 -19.90
C VAL B 14 -6.78 8.74 -20.12
N TYR B 15 -7.18 7.54 -19.73
CA TYR B 15 -6.35 6.35 -19.85
C TYR B 15 -7.27 5.14 -19.87
N PRO B 16 -6.73 3.97 -20.27
CA PRO B 16 -7.51 2.73 -20.36
C PRO B 16 -8.09 2.31 -19.00
N GLN B 17 -9.33 1.84 -19.04
CA GLN B 17 -10.02 1.41 -17.83
C GLN B 17 -9.39 0.13 -17.31
N PRO B 18 -9.14 0.05 -15.98
CA PRO B 18 -8.65 -1.22 -15.46
C PRO B 18 -9.72 -2.28 -15.67
N LYS B 19 -9.31 -3.52 -15.88
CA LYS B 19 -10.26 -4.61 -16.14
C LYS B 19 -10.24 -5.65 -15.04
N VAL B 20 -11.26 -5.61 -14.19
CA VAL B 20 -11.37 -6.46 -13.02
C VAL B 20 -11.31 -7.97 -13.32
N LEU B 21 -11.88 -8.37 -14.44
CA LEU B 21 -11.96 -9.79 -14.78
CA LEU B 21 -11.96 -9.79 -14.79
C LEU B 21 -10.99 -10.22 -15.87
N THR B 22 -10.06 -9.33 -16.24
CA THR B 22 -9.09 -9.65 -17.28
C THR B 22 -7.71 -9.12 -16.95
N PRO B 23 -7.12 -9.60 -15.84
CA PRO B 23 -5.79 -9.20 -15.36
C PRO B 23 -4.71 -9.38 -16.40
N CYS B 24 -3.79 -8.41 -16.50
CA CYS B 24 -2.69 -8.45 -17.47
C CYS B 24 -1.64 -9.51 -17.11
N ARG B 25 -1.20 -9.54 -15.85
CA ARG B 25 -0.21 -10.55 -15.43
C ARG B 25 -0.86 -11.74 -14.74
N LYS B 26 -0.90 -12.87 -15.43
CA LYS B 26 -1.41 -14.12 -14.88
C LYS B 26 -0.27 -15.10 -14.60
N ASP B 27 0.95 -14.70 -14.90
CA ASP B 27 2.12 -15.58 -14.81
C ASP B 27 2.94 -15.42 -13.53
N VAL B 28 2.67 -14.35 -12.78
CA VAL B 28 3.47 -14.00 -11.59
C VAL B 28 2.58 -13.50 -10.46
N LEU B 29 3.05 -13.66 -9.23
CA LEU B 29 2.41 -13.06 -8.05
C LEU B 29 2.59 -11.53 -8.06
N VAL B 30 1.50 -10.76 -8.00
CA VAL B 30 1.61 -9.30 -8.06
C VAL B 30 1.22 -8.62 -6.74
N VAL B 31 0.94 -9.43 -5.73
CA VAL B 31 0.71 -8.90 -4.39
C VAL B 31 1.19 -9.90 -3.33
N THR B 32 1.79 -9.40 -2.26
CA THR B 32 2.30 -10.28 -1.20
C THR B 32 1.15 -10.69 -0.28
N PRO B 33 1.37 -11.68 0.57
CA PRO B 33 0.32 -12.04 1.55
C PRO B 33 0.00 -10.96 2.59
N TRP B 34 0.83 -9.93 2.69
CA TRP B 34 0.47 -8.80 3.57
C TRP B 34 -0.05 -7.60 2.76
N LEU B 35 -0.41 -7.86 1.51
CA LEU B 35 -1.10 -6.93 0.63
C LEU B 35 -0.21 -5.76 0.16
N ALA B 36 1.07 -6.05 0.02
CA ALA B 36 1.97 -5.07 -0.61
C ALA B 36 2.07 -5.45 -2.07
N PRO B 37 2.00 -4.46 -2.96
CA PRO B 37 2.16 -4.84 -4.38
C PRO B 37 3.56 -5.35 -4.69
N ILE B 38 3.66 -6.28 -5.65
CA ILE B 38 4.96 -6.65 -6.19
C ILE B 38 5.01 -6.04 -7.59
N VAL B 39 6.00 -5.19 -7.82
CA VAL B 39 5.97 -4.30 -8.99
C VAL B 39 6.56 -4.97 -10.23
N TRP B 40 5.69 -5.33 -11.17
CA TRP B 40 6.09 -5.89 -12.45
C TRP B 40 5.54 -5.03 -13.58
N GLU B 41 6.15 -5.10 -14.76
CA GLU B 41 5.58 -4.41 -15.90
C GLU B 41 4.16 -4.94 -16.15
N GLY B 42 3.22 -4.04 -16.37
CA GLY B 42 1.85 -4.42 -16.60
C GLY B 42 0.94 -4.21 -15.41
N THR B 43 1.52 -3.89 -14.24
CA THR B 43 0.72 -3.73 -13.03
C THR B 43 0.42 -2.26 -12.73
N PHE B 44 1.17 -1.35 -13.34
CA PHE B 44 1.02 0.07 -13.03
C PHE B 44 0.87 0.95 -14.27
N ASN B 45 0.10 2.03 -14.09
CA ASN B 45 0.01 3.10 -15.07
C ASN B 45 0.86 4.27 -14.57
N ILE B 46 1.98 4.50 -15.24
CA ILE B 46 2.98 5.46 -14.76
C ILE B 46 2.45 6.86 -14.86
N ASP B 47 1.49 7.11 -15.75
CA ASP B 47 0.90 8.45 -15.85
C ASP B 47 0.17 8.84 -14.56
N ILE B 48 -0.60 7.90 -14.02
CA ILE B 48 -1.32 8.17 -12.78
C ILE B 48 -0.34 8.39 -11.63
N LEU B 49 0.66 7.51 -11.52
CA LEU B 49 1.61 7.59 -10.43
C LEU B 49 2.48 8.86 -10.53
N ASN B 50 2.91 9.20 -11.75
CA ASN B 50 3.64 10.47 -11.93
C ASN B 50 2.87 11.67 -11.44
N GLU B 51 1.58 11.72 -11.75
CA GLU B 51 0.72 12.82 -11.29
C GLU B 51 0.72 12.86 -9.76
N GLN B 52 0.46 11.71 -9.14
CA GLN B 52 0.38 11.66 -7.70
C GLN B 52 1.65 12.20 -7.05
N PHE B 53 2.80 11.75 -7.52
CA PHE B 53 4.06 12.16 -6.89
C PHE B 53 4.51 13.55 -7.26
N ARG B 54 4.22 14.01 -8.48
CA ARG B 54 4.55 15.39 -8.84
C ARG B 54 3.75 16.38 -8.00
N LEU B 55 2.49 16.03 -7.72
CA LEU B 55 1.61 16.92 -6.95
C LEU B 55 2.11 17.14 -5.53
N GLN B 56 2.99 16.25 -5.07
N GLN B 56 2.98 16.25 -5.06
CA GLN B 56 3.64 16.38 -3.77
CA GLN B 56 3.62 16.42 -3.76
C GLN B 56 5.03 17.01 -3.86
C GLN B 56 5.03 16.99 -3.87
N ASN B 57 5.45 17.36 -5.08
CA ASN B 57 6.82 17.84 -5.33
CA ASN B 57 6.81 17.88 -5.26
C ASN B 57 7.85 16.90 -4.71
N THR B 58 7.70 15.64 -5.04
CA THR B 58 8.54 14.60 -4.48
C THR B 58 10.02 14.73 -4.89
N THR B 59 10.91 14.64 -3.90
CA THR B 59 12.34 14.58 -4.16
C THR B 59 12.86 13.19 -3.79
N ILE B 60 13.56 12.55 -4.73
CA ILE B 60 14.13 11.21 -4.49
C ILE B 60 15.64 11.31 -4.36
N GLY B 61 16.16 10.81 -3.23
CA GLY B 61 17.61 10.67 -3.10
C GLY B 61 18.06 9.29 -3.59
N LEU B 62 19.21 9.24 -4.25
CA LEU B 62 19.77 7.98 -4.73
C LEU B 62 21.19 7.86 -4.21
N THR B 63 21.45 6.84 -3.40
CA THR B 63 22.79 6.69 -2.82
C THR B 63 23.58 5.62 -3.54
N VAL B 64 24.87 5.88 -3.73
CA VAL B 64 25.75 4.92 -4.33
CA VAL B 64 25.77 4.91 -4.32
C VAL B 64 27.14 5.01 -3.69
N PHE B 65 27.79 3.87 -3.50
CA PHE B 65 29.11 3.86 -2.91
C PHE B 65 30.12 3.46 -3.97
N ALA B 66 31.03 4.37 -4.29
CA ALA B 66 31.99 4.12 -5.33
C ALA B 66 33.40 4.21 -4.74
N ILE B 67 33.88 3.07 -4.27
CA ILE B 67 35.12 2.99 -3.52
C ILE B 67 36.23 2.34 -4.33
N LYS B 68 37.44 2.89 -4.23
CA LYS B 68 38.61 2.37 -4.94
C LYS B 68 38.31 2.28 -6.44
N LYS B 69 38.52 1.10 -7.03
CA LYS B 69 38.38 0.97 -8.48
C LYS B 69 36.93 1.08 -8.95
N TYR B 70 35.98 0.96 -8.04
CA TYR B 70 34.57 1.07 -8.42
C TYR B 70 34.17 2.48 -8.89
N VAL B 71 35.03 3.48 -8.68
CA VAL B 71 34.73 4.81 -9.21
C VAL B 71 34.60 4.75 -10.74
N ALA B 72 35.23 3.76 -11.35
CA ALA B 72 35.15 3.57 -12.80
C ALA B 72 33.73 3.31 -13.32
N PHE B 73 32.82 2.87 -12.45
CA PHE B 73 31.45 2.55 -12.85
C PHE B 73 30.56 3.78 -12.82
N LEU B 74 31.04 4.88 -12.26
CA LEU B 74 30.15 6.02 -12.04
C LEU B 74 29.65 6.66 -13.32
N LYS B 75 30.50 6.77 -14.33
CA LYS B 75 30.10 7.54 -15.52
C LYS B 75 28.87 6.92 -16.17
N LEU B 76 28.93 5.61 -16.40
CA LEU B 76 27.82 4.90 -17.02
C LEU B 76 26.58 4.86 -16.11
N PHE B 77 26.81 4.67 -14.81
CA PHE B 77 25.72 4.64 -13.84
C PHE B 77 24.96 5.95 -13.90
N LEU B 78 25.68 7.07 -13.80
CA LEU B 78 25.01 8.37 -13.77
C LEU B 78 24.42 8.77 -15.14
N GLU B 79 25.14 8.51 -16.23
CA GLU B 79 24.59 8.84 -17.55
C GLU B 79 23.30 8.07 -17.81
N THR B 80 23.28 6.79 -17.44
CA THR B 80 22.05 6.02 -17.66
C THR B 80 20.94 6.38 -16.67
N ALA B 81 21.29 6.75 -15.43
CA ALA B 81 20.28 7.25 -14.50
C ALA B 81 19.62 8.50 -15.05
N GLU B 82 20.39 9.32 -15.77
CA GLU B 82 19.80 10.52 -16.35
C GLU B 82 18.75 10.21 -17.41
N LYS B 83 18.90 9.09 -18.11
CA LYS B 83 17.93 8.69 -19.13
C LYS B 83 16.70 7.99 -18.55
N HIS B 84 16.88 7.32 -17.42
CA HIS B 84 15.87 6.34 -16.98
C HIS B 84 15.33 6.46 -15.55
N PHE B 85 16.01 7.21 -14.68
CA PHE B 85 15.67 7.18 -13.25
C PHE B 85 14.89 8.42 -12.84
N MET B 86 13.61 8.21 -12.50
CA MET B 86 12.73 9.27 -11.99
C MET B 86 12.71 10.52 -12.86
N VAL B 87 12.76 10.33 -14.18
CA VAL B 87 12.80 11.50 -15.06
C VAL B 87 11.51 12.32 -14.89
N GLY B 88 11.67 13.65 -14.69
CA GLY B 88 10.56 14.57 -14.47
C GLY B 88 10.33 14.90 -12.99
N HIS B 89 11.01 14.18 -12.11
CA HIS B 89 10.94 14.42 -10.67
C HIS B 89 12.26 15.01 -10.16
N ARG B 90 12.23 15.60 -8.97
CA ARG B 90 13.49 16.09 -8.37
C ARG B 90 14.33 14.93 -7.88
N VAL B 91 15.60 14.90 -8.29
CA VAL B 91 16.52 13.85 -7.89
C VAL B 91 17.76 14.46 -7.23
N HIS B 92 18.21 13.86 -6.15
CA HIS B 92 19.48 14.22 -5.56
C HIS B 92 20.35 13.00 -5.49
N TYR B 93 21.43 12.97 -6.27
CA TYR B 93 22.40 11.87 -6.19
C TYR B 93 23.36 12.11 -5.04
N TYR B 94 23.59 11.06 -4.25
CA TYR B 94 24.60 11.12 -3.20
C TYR B 94 25.67 10.07 -3.54
N VAL B 95 26.84 10.55 -3.94
CA VAL B 95 27.92 9.66 -4.32
C VAL B 95 28.92 9.61 -3.19
N PHE B 96 29.01 8.47 -2.50
CA PHE B 96 29.97 8.26 -1.42
C PHE B 96 31.22 7.67 -2.05
N THR B 97 32.35 8.32 -1.87
CA THR B 97 33.58 7.83 -2.51
C THR B 97 34.83 8.19 -1.71
N ASP B 98 35.88 7.39 -1.87
CA ASP B 98 37.17 7.73 -1.29
C ASP B 98 38.00 8.59 -2.23
N GLN B 99 37.47 8.84 -3.43
CA GLN B 99 38.19 9.63 -4.42
C GLN B 99 37.34 10.74 -5.03
N PRO B 100 37.04 11.79 -4.26
CA PRO B 100 36.22 12.87 -4.82
C PRO B 100 36.71 13.40 -6.17
N ALA B 101 38.03 13.42 -6.38
CA ALA B 101 38.55 13.97 -7.62
C ALA B 101 38.32 13.08 -8.84
N ALA B 102 37.97 11.82 -8.59
CA ALA B 102 37.75 10.82 -9.65
C ALA B 102 36.30 10.75 -10.10
N VAL B 103 35.43 11.51 -9.44
CA VAL B 103 34.03 11.51 -9.85
C VAL B 103 33.92 12.19 -11.22
N PRO B 104 33.31 11.50 -12.20
CA PRO B 104 33.20 12.06 -13.55
C PRO B 104 32.28 13.27 -13.59
N ARG B 105 32.58 14.19 -14.50
CA ARG B 105 31.68 15.28 -14.80
C ARG B 105 30.53 14.75 -15.67
N VAL B 106 29.32 14.73 -15.11
CA VAL B 106 28.17 14.24 -15.85
C VAL B 106 27.13 15.36 -15.90
N THR B 107 26.64 15.64 -17.10
CA THR B 107 25.66 16.69 -17.28
C THR B 107 24.28 16.23 -16.81
N LEU B 108 23.67 17.00 -15.92
CA LEU B 108 22.39 16.60 -15.32
C LEU B 108 21.21 17.37 -15.91
N GLY B 109 20.06 16.70 -16.03
CA GLY B 109 18.86 17.39 -16.42
C GLY B 109 18.37 18.36 -15.34
N THR B 110 17.42 19.19 -15.70
CA THR B 110 16.89 20.18 -14.75
C THR B 110 16.23 19.51 -13.52
N GLY B 111 16.42 20.08 -12.33
CA GLY B 111 15.78 19.54 -11.13
C GLY B 111 16.56 18.40 -10.51
N ARG B 112 17.77 18.17 -11.02
CA ARG B 112 18.60 17.07 -10.56
C ARG B 112 19.94 17.58 -10.07
N GLN B 113 20.38 17.09 -8.91
CA GLN B 113 21.66 17.57 -8.39
C GLN B 113 22.50 16.41 -7.86
N LEU B 114 23.80 16.64 -7.69
CA LEU B 114 24.69 15.61 -7.20
C LEU B 114 25.58 16.17 -6.09
N SER B 115 25.67 15.42 -4.99
CA SER B 115 26.58 15.75 -3.90
C SER B 115 27.59 14.61 -3.76
N VAL B 116 28.86 14.97 -3.60
CA VAL B 116 29.91 13.99 -3.36
C VAL B 116 30.26 13.98 -1.88
N LEU B 117 30.18 12.81 -1.25
CA LEU B 117 30.52 12.63 0.16
C LEU B 117 31.80 11.82 0.28
N GLU B 118 32.82 12.38 0.92
CA GLU B 118 34.06 11.65 1.11
C GLU B 118 33.92 10.66 2.26
N VAL B 119 34.31 9.42 2.01
CA VAL B 119 34.32 8.40 3.06
C VAL B 119 35.62 7.59 3.01
N ARG B 120 35.89 6.88 4.09
CA ARG B 120 37.06 6.02 4.16
C ARG B 120 36.84 4.72 3.39
N ALA B 121 37.91 4.21 2.78
CA ALA B 121 37.88 2.92 2.11
C ALA B 121 38.32 1.83 3.08
N TYR B 122 37.51 0.79 3.20
CA TYR B 122 37.93 -0.40 3.94
C TYR B 122 38.66 -1.33 2.99
N LYS B 123 39.50 -2.20 3.55
CA LYS B 123 40.30 -3.09 2.73
C LYS B 123 39.49 -4.25 2.18
N ARG B 124 38.60 -4.80 2.99
CA ARG B 124 37.79 -5.94 2.58
C ARG B 124 36.55 -5.47 1.85
N TRP B 125 36.30 -6.02 0.66
CA TRP B 125 35.09 -5.64 -0.07
C TRP B 125 33.85 -5.91 0.76
N GLN B 126 33.92 -6.95 1.60
CA GLN B 126 32.82 -7.26 2.50
C GLN B 126 32.57 -6.11 3.45
N ASP B 127 33.64 -5.51 3.98
CA ASP B 127 33.50 -4.39 4.90
C ASP B 127 32.97 -3.13 4.21
N VAL B 128 33.48 -2.83 3.02
CA VAL B 128 32.89 -1.74 2.24
C VAL B 128 31.37 -1.92 2.15
N SER B 129 30.94 -3.09 1.67
CA SER B 129 29.53 -3.38 1.45
C SER B 129 28.72 -3.25 2.75
N MET B 130 29.21 -3.88 3.81
CA MET B 130 28.49 -3.88 5.08
C MET B 130 28.42 -2.49 5.75
N ARG B 131 29.51 -1.73 5.70
CA ARG B 131 29.53 -0.40 6.33
C ARG B 131 28.66 0.63 5.62
N ARG B 132 28.11 0.27 4.46
CA ARG B 132 27.15 1.15 3.82
C ARG B 132 25.99 1.40 4.77
N MET B 133 25.67 0.41 5.59
CA MET B 133 24.53 0.51 6.49
C MET B 133 24.75 1.62 7.53
N GLU B 134 25.93 1.65 8.13
CA GLU B 134 26.26 2.73 9.08
C GLU B 134 26.25 4.12 8.41
N MET B 135 26.85 4.20 7.22
CA MET B 135 26.99 5.48 6.57
C MET B 135 25.64 6.03 6.09
N ILE B 136 24.79 5.17 5.51
CA ILE B 136 23.45 5.62 5.12
C ILE B 136 22.68 6.07 6.36
N SER B 137 22.77 5.30 7.44
CA SER B 137 22.02 5.62 8.65
CA SER B 137 22.02 5.61 8.65
C SER B 137 22.48 6.95 9.23
N ASP B 138 23.79 7.16 9.26
CA ASP B 138 24.36 8.40 9.77
CA ASP B 138 24.37 8.40 9.76
C ASP B 138 23.94 9.59 8.92
N PHE B 139 23.93 9.40 7.60
CA PHE B 139 23.58 10.51 6.70
C PHE B 139 22.07 10.77 6.60
N CYS B 140 21.24 9.79 6.97
CA CYS B 140 19.82 10.05 7.13
C CYS B 140 19.60 11.20 8.13
N GLU B 141 20.37 11.23 9.22
CA GLU B 141 20.22 12.26 10.23
C GLU B 141 20.85 13.57 9.80
N ARG B 142 22.04 13.46 9.22
CA ARG B 142 22.84 14.64 8.92
C ARG B 142 22.32 15.43 7.73
N ARG B 143 21.67 14.76 6.79
CA ARG B 143 21.34 15.42 5.55
C ARG B 143 19.99 14.99 4.97
N PHE B 144 19.79 13.68 4.83
CA PHE B 144 18.68 13.19 4.03
C PHE B 144 17.32 13.62 4.57
N LEU B 145 17.19 13.59 5.89
CA LEU B 145 15.88 13.88 6.49
C LEU B 145 15.43 15.29 6.13
N SER B 146 16.38 16.20 5.99
CA SER B 146 16.04 17.58 5.65
C SER B 146 16.16 17.91 4.15
N GLU B 147 16.48 16.92 3.32
CA GLU B 147 16.79 17.18 1.90
C GLU B 147 15.95 16.40 0.86
N VAL B 148 15.48 15.20 1.20
CA VAL B 148 14.74 14.40 0.24
C VAL B 148 13.55 13.72 0.91
N ASP B 149 12.60 13.26 0.12
CA ASP B 149 11.43 12.58 0.68
C ASP B 149 11.63 11.07 0.79
N TYR B 150 12.23 10.47 -0.25
CA TYR B 150 12.48 9.03 -0.29
C TYR B 150 13.96 8.83 -0.57
N LEU B 151 14.48 7.70 -0.11
CA LEU B 151 15.86 7.30 -0.40
C LEU B 151 15.84 5.99 -1.17
N VAL B 152 16.69 5.92 -2.19
CA VAL B 152 16.87 4.68 -2.93
C VAL B 152 18.35 4.33 -2.86
N CYS B 153 18.65 3.10 -2.42
CA CYS B 153 20.02 2.71 -2.09
C CYS B 153 20.45 1.55 -2.96
N VAL B 154 21.43 1.79 -3.86
CA VAL B 154 21.80 0.77 -4.84
C VAL B 154 23.30 0.54 -4.95
N ASP B 155 23.68 -0.57 -5.60
CA ASP B 155 25.07 -0.80 -6.03
C ASP B 155 25.45 0.06 -7.23
N VAL B 156 26.74 0.42 -7.35
CA VAL B 156 27.21 1.27 -8.45
C VAL B 156 27.56 0.53 -9.74
N ASP B 157 27.89 -0.75 -9.62
CA ASP B 157 28.37 -1.51 -10.75
C ASP B 157 27.19 -1.99 -11.58
N MET B 158 26.39 -1.02 -12.01
CA MET B 158 25.09 -1.25 -12.61
C MET B 158 24.84 -0.19 -13.66
N GLU B 159 23.89 -0.45 -14.54
CA GLU B 159 23.42 0.58 -15.46
C GLU B 159 21.92 0.48 -15.59
N PHE B 160 21.28 1.64 -15.80
CA PHE B 160 19.87 1.65 -16.13
C PHE B 160 19.68 1.39 -17.63
N ARG B 161 18.73 0.50 -17.95
CA ARG B 161 18.41 0.23 -19.34
CA ARG B 161 18.43 0.20 -19.34
C ARG B 161 16.97 0.53 -19.70
N ASP B 162 16.16 0.78 -18.68
CA ASP B 162 14.77 1.11 -18.91
C ASP B 162 14.23 1.82 -17.69
N HIS B 163 12.96 2.19 -17.80
CA HIS B 163 12.27 3.02 -16.83
C HIS B 163 12.40 2.49 -15.38
N VAL B 164 12.88 3.35 -14.49
CA VAL B 164 12.80 3.12 -13.03
C VAL B 164 12.25 4.42 -12.46
N GLY B 165 10.99 4.40 -12.05
CA GLY B 165 10.33 5.62 -11.66
C GLY B 165 9.57 5.54 -10.34
N VAL B 166 8.57 6.42 -10.22
CA VAL B 166 7.92 6.59 -8.91
C VAL B 166 7.05 5.41 -8.50
N GLU B 167 6.83 4.49 -9.42
CA GLU B 167 6.16 3.26 -9.04
C GLU B 167 6.82 2.49 -7.89
N ILE B 168 8.12 2.72 -7.66
CA ILE B 168 8.82 2.01 -6.61
C ILE B 168 8.64 2.68 -5.24
N LEU B 169 8.14 3.92 -5.21
CA LEU B 169 8.21 4.71 -3.97
C LEU B 169 7.09 4.31 -3.00
N THR B 170 7.44 4.25 -1.72
CA THR B 170 6.58 3.67 -0.68
C THR B 170 7.37 3.83 0.64
N PRO B 171 6.74 3.64 1.81
CA PRO B 171 7.54 3.80 3.02
C PRO B 171 8.74 2.85 3.11
N LEU B 172 8.60 1.61 2.70
CA LEU B 172 9.73 0.67 2.79
C LEU B 172 9.66 -0.35 1.67
N PHE B 173 10.70 -0.46 0.83
CA PHE B 173 10.69 -1.49 -0.23
C PHE B 173 11.97 -2.31 -0.26
N GLY B 174 11.82 -3.57 -0.64
CA GLY B 174 12.95 -4.42 -0.97
C GLY B 174 12.73 -4.94 -2.39
N THR B 175 13.73 -5.63 -2.94
CA THR B 175 13.68 -6.09 -4.33
C THR B 175 13.99 -7.56 -4.36
N LEU B 176 13.24 -8.32 -5.16
CA LEU B 176 13.52 -9.75 -5.29
C LEU B 176 14.90 -9.96 -5.93
N HIS B 177 15.77 -10.68 -5.22
CA HIS B 177 17.07 -11.06 -5.76
C HIS B 177 16.86 -11.89 -7.02
N PRO B 178 17.57 -11.55 -8.10
CA PRO B 178 17.27 -12.20 -9.38
C PRO B 178 17.70 -13.68 -9.43
N GLY B 179 18.56 -14.09 -8.52
CA GLY B 179 18.98 -15.50 -8.48
C GLY B 179 18.03 -16.44 -7.73
N PHE B 180 17.02 -15.87 -7.06
CA PHE B 180 16.20 -16.65 -6.14
C PHE B 180 14.69 -16.46 -6.27
N TYR B 181 14.24 -15.70 -7.25
CA TYR B 181 12.83 -15.34 -7.28
C TYR B 181 11.94 -16.56 -7.47
N GLY B 182 12.46 -17.58 -8.16
CA GLY B 182 11.73 -18.84 -8.35
C GLY B 182 12.03 -19.94 -7.33
N SER B 183 12.80 -19.62 -6.30
CA SER B 183 13.28 -20.65 -5.37
C SER B 183 12.41 -20.84 -4.13
N SER B 184 12.42 -22.04 -3.57
CA SER B 184 11.71 -22.27 -2.33
C SER B 184 12.57 -21.76 -1.18
N ARG B 185 11.94 -21.45 -0.05
CA ARG B 185 12.64 -20.77 1.04
C ARG B 185 13.80 -21.59 1.58
N GLU B 186 13.68 -22.93 1.51
CA GLU B 186 14.76 -23.81 1.94
C GLU B 186 16.05 -23.58 1.17
N ALA B 187 15.95 -23.07 -0.06
CA ALA B 187 17.14 -22.83 -0.88
C ALA B 187 17.70 -21.41 -0.75
N PHE B 188 16.92 -20.51 -0.16
CA PHE B 188 17.38 -19.15 0.10
C PHE B 188 18.68 -19.22 0.89
N THR B 189 19.65 -18.39 0.51
CA THR B 189 20.92 -18.37 1.22
C THR B 189 20.90 -17.39 2.39
N TYR B 190 19.87 -17.48 3.23
CA TYR B 190 19.83 -16.76 4.49
C TYR B 190 20.99 -17.21 5.40
N GLU B 191 21.33 -16.38 6.38
CA GLU B 191 22.19 -16.85 7.47
C GLU B 191 21.44 -17.91 8.27
N ARG B 192 22.08 -19.07 8.43
CA ARG B 192 21.46 -20.24 9.07
C ARG B 192 22.05 -20.57 10.45
N ARG B 193 23.08 -19.83 10.89
CA ARG B 193 23.64 -20.11 12.21
C ARG B 193 22.92 -19.31 13.29
N PRO B 194 22.33 -20.00 14.27
CA PRO B 194 21.57 -19.29 15.32
C PRO B 194 22.42 -18.31 16.11
N GLN B 195 23.75 -18.43 16.04
CA GLN B 195 24.65 -17.51 16.72
C GLN B 195 24.65 -16.11 16.14
N SER B 196 24.18 -15.97 14.90
CA SER B 196 24.15 -14.67 14.21
C SER B 196 22.81 -13.96 14.38
N GLN B 197 22.86 -12.64 14.57
CA GLN B 197 21.64 -11.83 14.60
C GLN B 197 20.83 -11.91 13.32
N ALA B 198 21.46 -12.37 12.23
CA ALA B 198 20.76 -12.50 10.93
C ALA B 198 20.08 -13.84 10.72
N TYR B 199 20.20 -14.73 11.69
CA TYR B 199 19.61 -16.06 11.65
C TYR B 199 18.17 -16.09 11.18
N ILE B 200 17.89 -16.91 10.16
CA ILE B 200 16.53 -17.26 9.79
C ILE B 200 16.44 -18.77 9.61
N PRO B 201 15.54 -19.41 10.36
CA PRO B 201 15.23 -20.84 10.33
C PRO B 201 14.72 -21.28 8.97
N LYS B 202 14.90 -22.58 8.67
CA LYS B 202 14.46 -23.15 7.41
C LYS B 202 12.96 -23.04 7.14
N ASP B 203 12.14 -22.92 8.19
CA ASP B 203 10.68 -22.81 8.01
C ASP B 203 10.15 -21.36 8.03
N GLU B 204 11.06 -20.39 7.93
CA GLU B 204 10.67 -18.97 7.83
C GLU B 204 11.23 -18.31 6.57
N GLY B 205 10.62 -17.20 6.17
CA GLY B 205 11.10 -16.45 5.01
C GLY B 205 10.01 -16.28 3.97
N ASP B 206 9.84 -15.07 3.44
CA ASP B 206 8.89 -14.83 2.38
C ASP B 206 9.62 -14.84 1.04
N PHE B 207 10.66 -14.03 0.96
CA PHE B 207 11.41 -13.84 -0.27
C PHE B 207 12.87 -13.71 0.07
N TYR B 208 13.73 -13.83 -0.93
CA TYR B 208 15.12 -13.50 -0.77
C TYR B 208 15.35 -12.14 -1.47
N TYR B 209 15.52 -11.11 -0.65
CA TYR B 209 15.71 -9.74 -1.15
C TYR B 209 17.17 -9.47 -1.47
N GLY B 210 17.41 -8.70 -2.53
CA GLY B 210 18.78 -8.38 -2.92
C GLY B 210 19.31 -7.20 -2.15
N GLY B 211 20.54 -7.29 -1.69
CA GLY B 211 21.15 -6.19 -0.97
C GLY B 211 21.45 -4.98 -1.84
N ALA B 212 21.41 -5.16 -3.15
CA ALA B 212 21.82 -4.13 -4.12
C ALA B 212 20.73 -3.10 -4.52
N PHE B 213 19.55 -3.21 -3.92
CA PHE B 213 18.45 -2.28 -4.26
C PHE B 213 17.35 -2.31 -3.19
N PHE B 214 17.37 -1.32 -2.30
CA PHE B 214 16.31 -1.16 -1.32
C PHE B 214 16.06 0.33 -1.09
N GLY B 215 14.99 0.66 -0.38
CA GLY B 215 14.74 2.06 -0.12
C GLY B 215 13.44 2.29 0.59
N GLY B 216 12.96 3.53 0.54
CA GLY B 216 11.73 3.88 1.24
C GLY B 216 11.77 5.32 1.72
N SER B 217 10.92 5.69 2.67
CA SER B 217 10.98 7.04 3.21
C SER B 217 12.29 7.19 3.96
N VAL B 218 12.73 8.42 4.16
CA VAL B 218 13.99 8.61 4.86
C VAL B 218 13.94 8.00 6.26
N GLN B 219 12.83 8.21 6.97
CA GLN B 219 12.70 7.64 8.30
C GLN B 219 12.75 6.12 8.36
N GLU B 220 12.06 5.44 7.43
CA GLU B 220 12.13 3.98 7.42
C GLU B 220 13.50 3.45 6.99
N VAL B 221 14.14 4.14 6.06
CA VAL B 221 15.48 3.72 5.66
C VAL B 221 16.48 3.93 6.78
N GLN B 222 16.36 5.05 7.49
CA GLN B 222 17.22 5.28 8.66
C GLN B 222 17.03 4.17 9.68
N ARG B 223 15.79 3.76 9.92
CA ARG B 223 15.53 2.67 10.88
C ARG B 223 16.11 1.32 10.44
N LEU B 224 15.93 0.97 9.17
CA LEU B 224 16.46 -0.27 8.62
C LEU B 224 17.99 -0.31 8.70
N THR B 225 18.62 0.74 8.20
CA THR B 225 20.08 0.75 8.14
C THR B 225 20.69 0.80 9.54
N ARG B 226 20.06 1.52 10.47
CA ARG B 226 20.50 1.54 11.86
C ARG B 226 20.41 0.14 12.48
N ALA B 227 19.28 -0.53 12.29
CA ALA B 227 19.06 -1.87 12.85
C ALA B 227 20.07 -2.86 12.26
N CYS B 228 20.27 -2.82 10.95
CA CYS B 228 21.27 -3.71 10.34
C CYS B 228 22.68 -3.46 10.84
N HIS B 229 23.06 -2.18 10.94
CA HIS B 229 24.40 -1.88 11.46
C HIS B 229 24.57 -2.41 12.88
N GLN B 230 23.59 -2.15 13.73
CA GLN B 230 23.64 -2.60 15.12
C GLN B 230 23.78 -4.11 15.20
N ALA B 231 23.01 -4.82 14.38
CA ALA B 231 23.06 -6.29 14.34
C ALA B 231 24.43 -6.77 13.85
N MET B 232 25.00 -6.06 12.88
CA MET B 232 26.37 -6.38 12.46
C MET B 232 27.39 -6.18 13.58
N MET B 233 27.22 -5.13 14.38
CA MET B 233 28.15 -4.86 15.47
CA MET B 233 28.16 -4.87 15.47
C MET B 233 28.07 -5.94 16.55
N VAL B 234 26.85 -6.41 16.82
CA VAL B 234 26.67 -7.51 17.76
C VAL B 234 27.37 -8.76 17.23
N ASP B 235 27.09 -9.13 15.98
CA ASP B 235 27.77 -10.27 15.37
C ASP B 235 29.29 -10.15 15.52
N GLN B 236 29.81 -8.96 15.22
CA GLN B 236 31.26 -8.75 15.29
C GLN B 236 31.79 -8.96 16.72
N ALA B 237 31.08 -8.46 17.72
CA ALA B 237 31.50 -8.69 19.10
C ALA B 237 31.48 -10.18 19.45
N ASN B 238 30.59 -10.93 18.81
CA ASN B 238 30.46 -12.36 19.08
C ASN B 238 31.31 -13.22 18.14
N GLY B 239 32.19 -12.58 17.37
CA GLY B 239 33.09 -13.31 16.51
C GLY B 239 32.41 -14.06 15.37
N ILE B 240 31.38 -13.45 14.79
CA ILE B 240 30.70 -14.08 13.67
C ILE B 240 30.40 -13.03 12.59
N GLU B 241 30.44 -13.46 11.33
CA GLU B 241 30.08 -12.57 10.20
C GLU B 241 29.06 -13.27 9.32
N ALA B 242 27.90 -12.66 9.11
CA ALA B 242 26.82 -13.32 8.36
C ALA B 242 27.29 -13.73 6.97
N VAL B 243 26.74 -14.85 6.48
CA VAL B 243 27.21 -15.48 5.25
C VAL B 243 27.22 -14.53 4.06
N TRP B 244 26.18 -13.70 3.92
CA TRP B 244 26.13 -12.72 2.84
C TRP B 244 26.03 -11.29 3.36
N HIS B 245 26.68 -11.08 4.50
CA HIS B 245 27.02 -9.73 4.96
C HIS B 245 25.78 -8.83 5.11
N ASP B 246 25.82 -7.63 4.53
CA ASP B 246 24.70 -6.70 4.65
C ASP B 246 23.41 -7.30 4.14
N GLU B 247 23.49 -8.11 3.08
CA GLU B 247 22.32 -8.71 2.48
C GLU B 247 21.63 -9.69 3.45
N SER B 248 22.41 -10.47 4.19
CA SER B 248 21.84 -11.35 5.23
C SER B 248 21.05 -10.57 6.29
N HIS B 249 21.59 -9.44 6.71
CA HIS B 249 20.90 -8.59 7.70
C HIS B 249 19.67 -7.90 7.15
N LEU B 250 19.76 -7.40 5.91
CA LEU B 250 18.61 -6.84 5.23
C LEU B 250 17.47 -7.87 5.19
N ASN B 251 17.80 -9.11 4.86
CA ASN B 251 16.77 -10.14 4.78
C ASN B 251 16.12 -10.42 6.14
N LYS B 252 16.93 -10.46 7.20
CA LYS B 252 16.36 -10.62 8.53
C LYS B 252 15.45 -9.44 8.90
N TYR B 253 15.89 -8.21 8.60
CA TYR B 253 15.07 -7.04 8.86
C TYR B 253 13.74 -7.07 8.12
N LEU B 254 13.75 -7.42 6.83
CA LEU B 254 12.52 -7.36 6.04
C LEU B 254 11.61 -8.55 6.31
N LEU B 255 12.15 -9.63 6.86
CA LEU B 255 11.32 -10.73 7.34
C LEU B 255 10.44 -10.24 8.50
N ARG B 256 11.02 -9.48 9.42
CA ARG B 256 10.31 -9.08 10.63
C ARG B 256 9.55 -7.77 10.47
N HIS B 257 9.95 -6.96 9.48
CA HIS B 257 9.27 -5.68 9.20
C HIS B 257 8.92 -5.71 7.73
N LYS B 258 7.66 -6.06 7.41
CA LYS B 258 7.32 -6.36 6.02
C LYS B 258 7.37 -5.08 5.18
N PRO B 259 7.98 -5.16 4.00
CA PRO B 259 8.05 -4.00 3.10
C PRO B 259 6.65 -3.69 2.55
N THR B 260 6.42 -2.43 2.25
CA THR B 260 5.12 -1.98 1.78
C THR B 260 4.99 -2.04 0.24
N LYS B 261 6.12 -2.25 -0.44
CA LYS B 261 6.17 -2.69 -1.84
C LYS B 261 7.35 -3.63 -1.99
N VAL B 262 7.30 -4.53 -2.96
CA VAL B 262 8.41 -5.41 -3.29
C VAL B 262 8.65 -5.23 -4.76
N LEU B 263 9.87 -4.95 -5.15
CA LEU B 263 10.14 -4.81 -6.58
C LEU B 263 10.46 -6.14 -7.22
N SER B 264 9.97 -6.36 -8.46
CA SER B 264 10.36 -7.57 -9.18
C SER B 264 11.82 -7.53 -9.63
N PRO B 265 12.35 -8.68 -10.08
CA PRO B 265 13.75 -8.68 -10.57
C PRO B 265 13.96 -7.87 -11.86
N GLU B 266 12.93 -7.26 -12.43
CA GLU B 266 13.14 -6.31 -13.53
C GLU B 266 14.04 -5.19 -13.04
N TYR B 267 13.98 -4.97 -11.73
CA TYR B 267 14.67 -3.84 -11.09
C TYR B 267 16.08 -4.17 -10.61
N LEU B 268 16.48 -5.43 -10.72
CA LEU B 268 17.78 -5.86 -10.23
C LEU B 268 18.15 -7.16 -10.95
N TRP B 269 18.93 -7.04 -12.01
CA TRP B 269 19.17 -8.17 -12.91
C TRP B 269 20.64 -8.27 -13.31
N ASP B 270 21.05 -9.44 -13.82
CA ASP B 270 22.37 -9.61 -14.42
C ASP B 270 22.12 -10.45 -15.67
N GLN B 271 22.14 -9.80 -16.83
CA GLN B 271 21.81 -10.49 -18.08
C GLN B 271 22.88 -11.49 -18.50
N GLN B 272 24.14 -11.21 -18.16
CA GLN B 272 25.23 -12.17 -18.42
C GLN B 272 24.97 -13.51 -17.72
N LEU B 273 24.58 -13.45 -16.44
CA LEU B 273 24.35 -14.66 -15.66
C LEU B 273 22.99 -15.31 -15.86
N LEU B 274 21.99 -14.53 -16.28
CA LEU B 274 20.60 -14.98 -16.26
C LEU B 274 19.82 -14.81 -17.56
N GLY B 275 20.39 -14.10 -18.52
CA GLY B 275 19.72 -14.00 -19.81
C GLY B 275 18.54 -13.04 -19.74
N TRP B 276 17.50 -13.34 -20.53
CA TRP B 276 16.30 -12.48 -20.56
C TRP B 276 15.10 -13.38 -20.70
N PRO B 277 14.66 -13.95 -19.56
CA PRO B 277 13.55 -14.91 -19.54
C PRO B 277 12.21 -14.27 -19.91
N ALA B 278 11.26 -15.09 -20.34
CA ALA B 278 9.94 -14.60 -20.75
C ALA B 278 9.21 -13.81 -19.66
N VAL B 279 9.45 -14.18 -18.40
CA VAL B 279 8.77 -13.54 -17.28
C VAL B 279 9.23 -12.09 -17.06
N LEU B 280 10.36 -11.73 -17.67
CA LEU B 280 10.85 -10.35 -17.61
CA LEU B 280 10.87 -10.36 -17.62
C LEU B 280 10.48 -9.58 -18.88
N ARG B 281 9.45 -8.74 -18.79
CA ARG B 281 9.04 -7.97 -19.94
C ARG B 281 10.01 -6.82 -20.18
N LYS B 282 10.62 -6.34 -19.11
CA LYS B 282 11.63 -5.30 -19.21
CA LYS B 282 11.64 -5.31 -19.21
C LYS B 282 12.81 -5.65 -18.31
N LEU B 283 14.00 -5.23 -18.71
CA LEU B 283 15.20 -5.34 -17.89
C LEU B 283 15.58 -3.89 -17.59
N ARG B 284 15.36 -3.44 -16.35
CA ARG B 284 15.44 -2.01 -16.06
C ARG B 284 16.80 -1.56 -15.52
N PHE B 285 17.42 -2.38 -14.69
CA PHE B 285 18.60 -1.99 -13.94
C PHE B 285 19.42 -3.26 -13.84
N THR B 286 20.57 -3.25 -14.53
CA THR B 286 21.35 -4.46 -14.72
C THR B 286 22.83 -4.33 -14.37
N ALA B 287 23.40 -5.45 -13.95
CA ALA B 287 24.83 -5.49 -13.61
C ALA B 287 25.72 -5.18 -14.81
N VAL B 288 26.83 -4.50 -14.57
CA VAL B 288 27.80 -4.23 -15.62
C VAL B 288 28.97 -5.20 -15.40
N PRO B 289 29.37 -5.92 -16.46
CA PRO B 289 30.53 -6.84 -16.43
C PRO B 289 31.85 -6.11 -16.50
NJ GTI C . -26.10 -4.85 -3.36
NK GTI C . -27.21 -2.91 -3.20
NL GTI C . -28.61 -1.04 1.33
NQ GTI C . -27.20 -2.19 -0.90
CAA GTI C . -27.39 -3.89 -8.12
CAB GTI C . -26.71 -4.95 -7.53
CAC GTI C . -27.88 -2.84 -7.35
CAD GTI C . -26.51 -4.97 -6.15
CAE GTI C . -27.67 -2.86 -5.98
CAF GTI C . -29.12 -0.96 -0.07
CAG GTI C . -27.84 -2.30 1.42
CAH GTI C . -27.98 -0.95 -1.06
CAI GTI C . -26.68 -2.32 0.47
SAM GTI C . -26.02 -4.48 -1.76
CAN GTI C . -27.00 -3.91 -5.38
CAO GTI C . -26.79 -3.91 -4.00
CAP GTI C . -26.88 -3.06 -1.92
N1 UDP D . -31.19 4.91 6.01
C2 UDP D . -31.89 4.90 7.20
N3 UDP D . -33.23 5.21 7.25
C4 UDP D . -33.92 5.51 6.10
C5 UDP D . -33.23 5.51 4.89
C6 UDP D . -31.91 5.04 4.85
O2 UDP D . -31.32 4.65 8.24
O4 UDP D . -35.12 5.78 6.18
C1' UDP D . -29.74 4.59 6.01
C2' UDP D . -29.50 3.10 6.23
O2' UDP D . -28.25 2.75 6.85
C3' UDP D . -29.49 2.57 4.83
C4' UDP D . -28.71 3.69 4.14
O4' UDP D . -29.24 4.89 4.71
O3' UDP D . -28.84 1.32 4.81
C5' UDP D . -28.84 3.63 2.63
O5' UDP D . -30.18 3.38 2.31
PA UDP D . -30.60 2.03 1.56
O1A UDP D . -29.95 0.90 2.23
O2A UDP D . -32.07 1.87 1.52
O3A UDP D . -29.96 2.21 0.09
PB UDP D . -29.93 0.98 -0.96
O1B UDP D . -31.29 0.40 -1.07
O2B UDP D . -29.48 1.50 -2.27
O3B UDP D . -29.00 -0.08 -0.47
C1 GOL E . -26.41 2.01 -8.62
O1 GOL E . -26.72 1.88 -10.00
C2 GOL E . -27.52 1.37 -7.80
O2 GOL E . -27.40 -0.02 -7.83
C3 GOL E . -27.49 1.88 -6.37
O3 GOL E . -26.19 1.71 -5.83
S SO4 F . -36.85 17.82 6.37
O1 SO4 F . -37.35 17.03 7.50
O2 SO4 F . -36.10 16.95 5.47
O3 SO4 F . -37.98 18.40 5.66
O4 SO4 F . -35.98 18.89 6.83
MN MN G . -28.47 -0.55 1.60
S SO4 H . -15.03 -5.40 28.34
O1 SO4 H . -14.34 -6.67 28.64
O2 SO4 H . -14.66 -4.85 27.02
O3 SO4 H . -16.49 -5.62 28.36
O4 SO4 H . -14.67 -4.44 29.37
N1 UDP I . 31.61 -1.24 -3.28
C2 UDP I . 32.57 -0.34 -3.68
N3 UDP I . 33.91 -0.67 -3.65
C4 UDP I . 34.30 -1.91 -3.20
C5 UDP I . 33.34 -2.83 -2.80
C6 UDP I . 32.00 -2.52 -2.96
O2 UDP I . 32.28 0.77 -4.09
O4 UDP I . 35.50 -2.19 -3.19
C1' UDP I . 30.17 -0.90 -3.30
C2' UDP I . 29.64 -0.85 -4.73
O2' UDP I . 28.54 0.05 -4.85
C3' UDP I . 29.16 -2.26 -4.94
C4' UDP I . 28.59 -2.59 -3.56
O4' UDP I . 29.45 -1.93 -2.65
O3' UDP I . 28.21 -2.28 -5.96
C5' UDP I . 28.56 -4.09 -3.32
O5' UDP I . 29.72 -4.61 -3.93
PA UDP I . 29.59 -5.62 -5.17
O1A UDP I . 28.93 -4.89 -6.27
O2A UDP I . 30.90 -6.17 -5.58
O3A UDP I . 28.60 -6.78 -4.64
PB UDP I . 28.01 -7.92 -5.62
O1B UDP I . 29.13 -8.45 -6.44
O2B UDP I . 27.42 -8.99 -4.79
O3B UDP I . 26.97 -7.35 -6.50
MN MN J . 26.87 -5.29 -7.31
NJ GTI K . 22.44 -9.75 -10.17
NK GTI K . 24.09 -9.76 -8.63
NL GTI K . 26.93 -5.69 -7.94
NQ GTI K . 24.74 -7.48 -8.22
CAA GTI K . 23.20 -14.66 -9.24
CAB GTI K . 22.44 -13.99 -10.19
CAC GTI K . 23.98 -13.95 -8.35
CAD GTI K . 22.44 -12.60 -10.25
CAE GTI K . 24.00 -12.56 -8.41
CAF GTI K . 27.08 -7.14 -7.74
CAG GTI K . 25.86 -5.49 -8.93
CAH GTI K . 25.79 -7.76 -7.23
CAI GTI K . 24.54 -6.06 -8.45
SAM GTI K . 22.78 -8.14 -9.96
CAN GTI K . 23.21 -11.88 -9.33
CAO GTI K . 23.25 -10.50 -9.39
CAP GTI K . 23.97 -8.44 -8.83
C1 GOL L . 23.61 -14.73 -2.40
O1 GOL L . 23.38 -16.09 -2.66
C2 GOL L . 24.72 -14.24 -3.32
O2 GOL L . 24.32 -14.49 -4.66
C3 GOL L . 24.97 -12.74 -3.12
O3 GOL L . 23.80 -12.00 -3.40
C1 GOL M . 6.49 14.94 1.89
O1 GOL M . 5.48 13.94 1.83
C2 GOL M . 6.44 15.80 0.63
O2 GOL M . 6.36 15.05 -0.54
C3 GOL M . 7.65 16.73 0.56
O3 GOL M . 7.89 17.02 -0.81
#